data_8TF5
#
_entry.id   8TF5
#
_cell.length_a   57.033
_cell.length_b   96.867
_cell.length_c   97.563
_cell.angle_alpha   90.00
_cell.angle_beta   90.00
_cell.angle_gamma   90.00
#
_symmetry.space_group_name_H-M   'P 21 21 2'
#
loop_
_entity.id
_entity.type
_entity.pdbx_description
1 polymer 'G-protein coupled receptor 6,Soluble cytochrome b562 chimera,Soluble cytochrome b562,G-protein coupled receptor 6'
2 non-polymer '(2R)-2,3-dihydroxypropyl (9Z)-octadec-9-enoate'
3 non-polymer 2,5,8,11,14,17-HEXAOXANONADECAN-19-OL
4 non-polymer 'OLEIC ACID'
5 non-polymer CHOLESTEROL
6 water water
#
_entity_poly.entity_id   1
_entity_poly.type   'polypeptide(L)'
_entity_poly.pdbx_seq_one_letter_code
;MKTIIALSYIFCLVFAGGANGSLELSSQLSAGPPGLLLPAVNPWDVLLCVSGTVIAGENALVVALIASTPALRTPMFVLV
GSLATADLLAGLGLILHFVFQYLVPSETVSLLTVGFLVASFAASVSSLLAITVDRYLSLYNPLTYYSRRTLLGVHLLLAA
TWTVSLGLGLLPVLGWNCLAERAACSVVRPLARSHVALLSAAFFMVFGIMLHLYVRI(YCM)QVVWRHAADLEDNWETLN
DNLKVIEKADNAAQVKDALTKMRAAALDAQKATPPKLEDKSPDSPEMKDFRHGFDILVGQIDDALKLANEGKVKEAQAAA
EQLKTTRNAYIQKYLAHLAATRKGVRTLAVVLGTFGACWLPFAIYCVVGSHEDPAVYTYATLLPATLNSMINPIIYAFRN
QEIQRALWLLLDGCFQSKVPFRSRSPSEVEFHHHHHHHHH
;
_entity_poly.pdbx_strand_id   A
#
# COMPACT_ATOMS: atom_id res chain seq x y z
N PRO A 39 8.54 -41.33 12.36
CA PRO A 39 7.98 -40.03 12.00
C PRO A 39 7.75 -39.13 13.21
N ALA A 40 8.84 -38.61 13.79
CA ALA A 40 8.74 -37.69 14.92
C ALA A 40 8.69 -36.24 14.50
N VAL A 41 9.10 -35.92 13.27
CA VAL A 41 9.00 -34.56 12.77
C VAL A 41 7.57 -34.30 12.34
N ASN A 42 7.01 -33.22 12.82
CA ASN A 42 5.65 -32.83 12.47
C ASN A 42 5.64 -32.18 11.08
N PRO A 43 4.81 -32.65 10.15
CA PRO A 43 4.81 -32.05 8.80
C PRO A 43 4.62 -30.55 8.79
N TRP A 44 3.78 -30.04 9.68
CA TRP A 44 3.51 -28.61 9.72
C TRP A 44 4.77 -27.83 10.06
N ASP A 45 5.64 -28.37 10.92
CA ASP A 45 6.88 -27.67 11.22
C ASP A 45 7.75 -27.55 9.99
N VAL A 46 7.77 -28.58 9.14
CA VAL A 46 8.51 -28.49 7.88
C VAL A 46 7.88 -27.44 6.97
N LEU A 47 6.55 -27.38 6.94
CA LEU A 47 5.89 -26.38 6.10
CA LEU A 47 5.88 -26.39 6.10
C LEU A 47 6.22 -24.97 6.55
N LEU A 48 6.26 -24.73 7.87
CA LEU A 48 6.64 -23.42 8.36
C LEU A 48 8.09 -23.09 8.03
N CYS A 49 8.97 -24.09 8.08
CA CYS A 49 10.36 -23.86 7.72
C CYS A 49 10.49 -23.49 6.25
N VAL A 50 9.77 -24.22 5.39
CA VAL A 50 9.72 -23.88 3.97
C VAL A 50 9.18 -22.48 3.78
N SER A 51 8.06 -22.18 4.45
CA SER A 51 7.46 -20.85 4.35
C SER A 51 8.46 -19.78 4.79
N GLY A 52 9.13 -20.01 5.91
CA GLY A 52 10.10 -19.04 6.39
C GLY A 52 11.24 -18.82 5.42
N THR A 53 11.68 -19.90 4.75
CA THR A 53 12.75 -19.77 3.78
C THR A 53 12.34 -18.83 2.63
N VAL A 54 11.17 -19.07 2.06
CA VAL A 54 10.67 -18.22 0.98
C VAL A 54 10.54 -16.78 1.48
N ILE A 55 9.96 -16.60 2.66
CA ILE A 55 9.81 -15.26 3.22
C ILE A 55 11.16 -14.59 3.39
N ALA A 56 12.12 -15.30 3.98
CA ALA A 56 13.43 -14.71 4.22
C ALA A 56 14.10 -14.33 2.90
N GLY A 57 14.03 -15.21 1.90
CA GLY A 57 14.69 -14.92 0.63
C GLY A 57 14.09 -13.72 -0.07
N GLU A 58 12.76 -13.68 -0.15
CA GLU A 58 12.09 -12.55 -0.77
C GLU A 58 12.46 -11.24 -0.09
N ASN A 59 12.32 -11.20 1.23
CA ASN A 59 12.46 -9.95 1.94
C ASN A 59 13.92 -9.57 2.16
N ALA A 60 14.83 -10.55 2.20
CA ALA A 60 16.26 -10.21 2.22
C ALA A 60 16.64 -9.46 0.96
N LEU A 61 16.06 -9.84 -0.18
CA LEU A 61 16.36 -9.14 -1.43
C LEU A 61 15.88 -7.70 -1.37
N VAL A 62 14.64 -7.49 -0.88
CA VAL A 62 14.12 -6.14 -0.73
C VAL A 62 15.03 -5.32 0.18
N VAL A 63 15.40 -5.89 1.33
CA VAL A 63 16.26 -5.17 2.26
C VAL A 63 17.57 -4.79 1.58
N ALA A 64 18.16 -5.73 0.84
CA ALA A 64 19.42 -5.45 0.17
C ALA A 64 19.27 -4.36 -0.88
N LEU A 65 18.15 -4.37 -1.62
CA LEU A 65 17.96 -3.38 -2.67
C LEU A 65 17.84 -1.97 -2.08
N ILE A 66 17.02 -1.81 -1.05
CA ILE A 66 16.83 -0.49 -0.45
C ILE A 66 18.11 -0.01 0.21
N ALA A 67 18.84 -0.92 0.86
CA ALA A 67 20.03 -0.53 1.60
C ALA A 67 21.14 -0.03 0.67
N SER A 68 21.31 -0.68 -0.48
CA SER A 68 22.39 -0.36 -1.39
C SER A 68 21.99 0.66 -2.45
N THR A 69 20.84 1.31 -2.30
CA THR A 69 20.34 2.27 -3.29
C THR A 69 20.06 3.60 -2.60
N PRO A 70 20.97 4.57 -2.70
CA PRO A 70 20.75 5.85 -2.01
C PRO A 70 19.45 6.55 -2.39
N ALA A 71 18.94 6.32 -3.60
CA ALA A 71 17.71 6.97 -4.02
C ALA A 71 16.49 6.53 -3.20
N LEU A 72 16.56 5.38 -2.54
CA LEU A 72 15.40 4.83 -1.82
C LEU A 72 15.49 5.19 -0.34
N ARG A 73 15.42 6.49 -0.07
CA ARG A 73 15.54 7.02 1.29
C ARG A 73 14.39 7.96 1.65
N THR A 74 13.34 8.00 0.85
CA THR A 74 12.17 8.79 1.18
C THR A 74 11.37 8.09 2.30
N PRO A 75 10.47 8.83 2.96
CA PRO A 75 9.61 8.18 3.96
C PRO A 75 8.97 6.90 3.46
N MET A 76 8.41 6.93 2.25
CA MET A 76 7.77 5.74 1.68
C MET A 76 8.72 4.55 1.73
N PHE A 77 9.98 4.73 1.31
CA PHE A 77 10.89 3.59 1.25
C PHE A 77 11.47 3.23 2.61
N VAL A 78 11.58 4.20 3.52
CA VAL A 78 11.92 3.86 4.90
C VAL A 78 10.85 2.94 5.47
N LEU A 79 9.59 3.16 5.08
CA LEU A 79 8.52 2.31 5.57
C LEU A 79 8.53 0.94 4.91
N VAL A 80 8.79 0.88 3.60
CA VAL A 80 8.88 -0.41 2.93
C VAL A 80 10.05 -1.21 3.50
N GLY A 81 11.16 -0.53 3.80
CA GLY A 81 12.30 -1.23 4.37
C GLY A 81 12.02 -1.78 5.75
N SER A 82 11.21 -1.07 6.53
CA SER A 82 10.80 -1.57 7.84
C SER A 82 9.93 -2.82 7.68
N LEU A 83 8.94 -2.77 6.79
CA LEU A 83 8.10 -3.94 6.56
C LEU A 83 8.94 -5.14 6.12
N ALA A 84 9.84 -4.92 5.15
CA ALA A 84 10.66 -6.00 4.63
C ALA A 84 11.59 -6.57 5.70
N THR A 85 12.13 -5.70 6.56
CA THR A 85 13.00 -6.18 7.64
C THR A 85 12.21 -7.05 8.61
N ALA A 86 11.01 -6.59 8.99
CA ALA A 86 10.18 -7.35 9.90
C ALA A 86 9.81 -8.71 9.32
N ASP A 87 9.42 -8.74 8.04
CA ASP A 87 9.10 -10.01 7.40
C ASP A 87 10.33 -10.89 7.26
N LEU A 88 11.47 -10.29 6.90
CA LEU A 88 12.72 -11.05 6.92
C LEU A 88 12.97 -11.67 8.29
N LEU A 89 12.84 -10.88 9.35
CA LEU A 89 13.07 -11.41 10.69
C LEU A 89 12.08 -12.52 11.02
N ALA A 90 10.82 -12.35 10.61
CA ALA A 90 9.83 -13.40 10.87
C ALA A 90 10.15 -14.68 10.11
N GLY A 91 10.61 -14.55 8.87
CA GLY A 91 11.00 -15.72 8.10
C GLY A 91 12.13 -16.48 8.76
N LEU A 92 13.24 -15.79 9.06
CA LEU A 92 14.34 -16.41 9.78
C LEU A 92 13.87 -17.05 11.07
N GLY A 93 12.94 -16.37 11.76
CA GLY A 93 12.43 -16.91 13.02
C GLY A 93 11.73 -18.25 12.87
N LEU A 94 10.97 -18.42 11.78
CA LEU A 94 10.33 -19.72 11.54
C LEU A 94 11.38 -20.80 11.33
N ILE A 95 12.46 -20.48 10.61
CA ILE A 95 13.55 -21.42 10.44
C ILE A 95 14.22 -21.72 11.78
N LEU A 96 14.51 -20.66 12.54
CA LEU A 96 15.15 -20.86 13.84
C LEU A 96 14.30 -21.70 14.76
N HIS A 97 12.98 -21.47 14.75
CA HIS A 97 12.08 -22.28 15.57
C HIS A 97 12.23 -23.76 15.24
N PHE A 98 12.31 -24.10 13.95
CA PHE A 98 12.52 -25.48 13.57
C PHE A 98 13.86 -26.00 14.08
N VAL A 99 14.92 -25.19 13.93
CA VAL A 99 16.26 -25.62 14.30
C VAL A 99 16.32 -26.00 15.78
N PHE A 100 15.80 -25.14 16.64
CA PHE A 100 15.89 -25.35 18.07
C PHE A 100 14.76 -26.21 18.60
N GLN A 101 13.90 -26.72 17.73
CA GLN A 101 12.98 -27.78 18.08
C GLN A 101 13.55 -29.16 17.76
N TYR A 102 14.21 -29.31 16.60
CA TYR A 102 14.62 -30.62 16.11
C TYR A 102 16.12 -30.82 16.01
N LEU A 103 16.92 -29.77 15.84
CA LEU A 103 18.36 -29.93 15.64
C LEU A 103 19.15 -29.65 16.90
N VAL A 104 18.69 -28.69 17.70
CA VAL A 104 19.28 -28.37 19.00
C VAL A 104 18.13 -28.31 19.98
N PRO A 105 17.55 -29.45 20.38
CA PRO A 105 16.40 -29.42 21.29
C PRO A 105 16.69 -28.59 22.53
N SER A 106 15.96 -27.49 22.70
CA SER A 106 16.20 -26.59 23.82
C SER A 106 14.88 -25.89 24.15
N GLU A 107 14.33 -26.20 25.33
CA GLU A 107 13.14 -25.48 25.77
C GLU A 107 13.43 -23.99 25.94
N THR A 108 14.58 -23.65 26.53
CA THR A 108 14.91 -22.25 26.77
C THR A 108 14.98 -21.49 25.45
N VAL A 109 15.73 -21.99 24.48
CA VAL A 109 15.86 -21.29 23.21
C VAL A 109 14.56 -21.32 22.41
N SER A 110 13.67 -22.28 22.66
CA SER A 110 12.37 -22.27 22.01
C SER A 110 11.50 -21.15 22.57
N LEU A 111 11.59 -20.87 23.87
CA LEU A 111 10.94 -19.68 24.42
C LEU A 111 11.44 -18.43 23.73
N LEU A 112 12.76 -18.35 23.50
CA LEU A 112 13.33 -17.19 22.81
C LEU A 112 12.82 -17.10 21.38
N THR A 113 12.72 -18.24 20.69
CA THR A 113 12.30 -18.20 19.29
C THR A 113 10.85 -17.76 19.16
N VAL A 114 9.97 -18.22 20.06
CA VAL A 114 8.58 -17.78 19.99
C VAL A 114 8.47 -16.29 20.34
N GLY A 115 9.20 -15.84 21.36
CA GLY A 115 9.25 -14.43 21.64
C GLY A 115 9.79 -13.64 20.47
N PHE A 116 10.81 -14.19 19.81
CA PHE A 116 11.34 -13.57 18.59
C PHE A 116 10.25 -13.44 17.53
N LEU A 117 9.42 -14.46 17.35
CA LEU A 117 8.41 -14.43 16.30
C LEU A 117 7.29 -13.47 16.65
N VAL A 118 6.91 -13.40 17.93
CA VAL A 118 5.91 -12.43 18.35
C VAL A 118 6.36 -11.01 17.99
N ALA A 119 7.60 -10.67 18.30
CA ALA A 119 8.10 -9.34 18.00
C ALA A 119 8.18 -9.10 16.49
N SER A 120 8.62 -10.11 15.73
CA SER A 120 8.75 -9.93 14.29
C SER A 120 7.39 -9.74 13.62
N PHE A 121 6.40 -10.54 13.98
CA PHE A 121 5.09 -10.38 13.36
C PHE A 121 4.40 -9.12 13.88
N ALA A 122 4.60 -8.75 15.15
CA ALA A 122 4.11 -7.46 15.61
C ALA A 122 4.70 -6.34 14.78
N ALA A 123 6.01 -6.40 14.50
CA ALA A 123 6.66 -5.35 13.74
C ALA A 123 6.17 -5.32 12.30
N SER A 124 5.82 -6.48 11.74
CA SER A 124 5.32 -6.53 10.37
C SER A 124 3.93 -5.92 10.28
N VAL A 125 3.04 -6.31 11.19
CA VAL A 125 1.67 -5.77 11.17
C VAL A 125 1.68 -4.28 11.47
N SER A 126 2.52 -3.85 12.41
CA SER A 126 2.59 -2.42 12.70
C SER A 126 3.25 -1.65 11.57
N SER A 127 4.17 -2.29 10.83
CA SER A 127 4.75 -1.63 9.67
C SER A 127 3.72 -1.44 8.55
N LEU A 128 2.80 -2.40 8.40
CA LEU A 128 1.72 -2.24 7.44
C LEU A 128 0.83 -1.07 7.82
N LEU A 129 0.55 -0.93 9.12
CA LEU A 129 -0.18 0.24 9.58
C LEU A 129 0.53 1.52 9.20
N ALA A 130 1.83 1.60 9.48
CA ALA A 130 2.58 2.82 9.19
C ALA A 130 2.57 3.12 7.68
N ILE A 131 2.73 2.09 6.85
CA ILE A 131 2.64 2.29 5.41
C ILE A 131 1.29 2.86 5.03
N THR A 132 0.22 2.30 5.59
CA THR A 132 -1.12 2.77 5.25
C THR A 132 -1.32 4.21 5.71
N VAL A 133 -0.82 4.56 6.90
CA VAL A 133 -0.89 5.95 7.36
C VAL A 133 -0.22 6.86 6.34
N ASP A 134 1.00 6.49 5.92
CA ASP A 134 1.74 7.29 4.94
C ASP A 134 0.96 7.46 3.65
N ARG A 135 0.36 6.39 3.13
CA ARG A 135 -0.41 6.50 1.90
C ARG A 135 -1.59 7.44 2.08
N TYR A 136 -2.27 7.35 3.23
CA TYR A 136 -3.34 8.29 3.53
C TYR A 136 -2.84 9.73 3.50
N LEU A 137 -1.73 10.02 4.19
CA LEU A 137 -1.26 11.40 4.29
C LEU A 137 -0.84 11.96 2.94
N SER A 138 -0.20 11.13 2.10
CA SER A 138 0.21 11.62 0.79
C SER A 138 -0.99 11.93 -0.10
N LEU A 139 -2.11 11.21 0.09
CA LEU A 139 -3.30 11.48 -0.72
C LEU A 139 -4.09 12.67 -0.20
N TYR A 140 -4.13 12.88 1.11
CA TYR A 140 -4.92 13.97 1.65
C TYR A 140 -4.16 15.29 1.72
N ASN A 141 -2.83 15.26 1.56
CA ASN A 141 -1.99 16.46 1.63
C ASN A 141 -1.04 16.46 0.44
N PRO A 142 -1.55 16.75 -0.76
CA PRO A 142 -0.70 16.67 -1.97
C PRO A 142 0.50 17.61 -1.93
N LEU A 143 0.50 18.62 -1.06
CA LEU A 143 1.65 19.51 -0.93
C LEU A 143 2.36 19.32 0.42
N THR A 144 1.65 19.56 1.53
CA THR A 144 2.30 19.53 2.84
C THR A 144 2.80 18.14 3.24
N TYR A 145 2.43 17.09 2.51
CA TYR A 145 3.07 15.79 2.73
C TYR A 145 4.57 15.90 2.54
N TYR A 146 5.01 16.72 1.59
CA TYR A 146 6.44 16.93 1.31
C TYR A 146 6.94 18.03 2.24
N SER A 147 7.34 17.62 3.44
CA SER A 147 7.76 18.56 4.48
C SER A 147 8.64 17.81 5.46
N ARG A 148 9.32 18.56 6.32
CA ARG A 148 10.15 17.95 7.34
CA ARG A 148 10.16 17.96 7.35
C ARG A 148 9.32 17.14 8.33
N ARG A 149 8.12 17.64 8.64
CA ARG A 149 7.26 16.96 9.60
C ARG A 149 6.96 15.52 9.18
N THR A 150 6.79 15.29 7.88
CA THR A 150 6.47 13.93 7.44
C THR A 150 7.64 12.99 7.71
N LEU A 151 8.87 13.44 7.48
CA LEU A 151 10.01 12.57 7.75
C LEU A 151 10.19 12.35 9.25
N LEU A 152 10.07 13.41 10.04
CA LEU A 152 10.06 13.24 11.49
C LEU A 152 8.99 12.24 11.91
N GLY A 153 7.81 12.33 11.30
CA GLY A 153 6.70 11.48 11.71
C GLY A 153 6.96 10.01 11.49
N VAL A 154 7.62 9.66 10.37
CA VAL A 154 7.95 8.27 10.11
CA VAL A 154 7.94 8.26 10.12
C VAL A 154 8.98 7.78 11.12
N HIS A 155 9.97 8.62 11.43
CA HIS A 155 10.99 8.23 12.41
C HIS A 155 10.37 7.93 13.76
N LEU A 156 9.50 8.82 14.23
CA LEU A 156 8.90 8.64 15.54
C LEU A 156 7.92 7.47 15.53
N LEU A 157 7.15 7.32 14.45
CA LEU A 157 6.18 6.23 14.38
C LEU A 157 6.87 4.87 14.35
N LEU A 158 7.95 4.75 13.59
CA LEU A 158 8.65 3.47 13.52
C LEU A 158 9.38 3.17 14.82
N ALA A 159 10.02 4.18 15.43
CA ALA A 159 10.62 3.96 16.74
C ALA A 159 9.58 3.45 17.73
N ALA A 160 8.35 3.97 17.67
CA ALA A 160 7.32 3.55 18.60
C ALA A 160 6.79 2.16 18.26
N THR A 161 6.54 1.88 16.99
CA THR A 161 6.00 0.57 16.65
C THR A 161 7.02 -0.53 16.91
N TRP A 162 8.29 -0.27 16.60
CA TRP A 162 9.30 -1.29 16.86
C TRP A 162 9.56 -1.44 18.35
N THR A 163 9.51 -0.34 19.11
CA THR A 163 9.68 -0.44 20.56
C THR A 163 8.56 -1.28 21.18
N VAL A 164 7.33 -1.07 20.72
CA VAL A 164 6.20 -1.82 21.25
C VAL A 164 6.25 -3.26 20.80
N SER A 165 6.60 -3.49 19.53
CA SER A 165 6.71 -4.84 19.01
C SER A 165 7.71 -5.66 19.81
N LEU A 166 8.91 -5.12 20.01
CA LEU A 166 9.92 -5.83 20.79
C LEU A 166 9.43 -6.10 22.20
N GLY A 167 8.84 -5.09 22.84
CA GLY A 167 8.29 -5.29 24.17
C GLY A 167 7.29 -6.43 24.23
N LEU A 168 6.43 -6.54 23.20
CA LEU A 168 5.42 -7.59 23.19
C LEU A 168 6.05 -8.97 23.12
N GLY A 169 7.15 -9.12 22.38
CA GLY A 169 7.85 -10.39 22.35
C GLY A 169 8.76 -10.61 23.53
N LEU A 170 9.14 -9.53 24.23
CA LEU A 170 10.03 -9.65 25.38
C LEU A 170 9.28 -10.11 26.63
N LEU A 171 8.00 -9.75 26.74
CA LEU A 171 7.25 -10.11 27.93
C LEU A 171 7.25 -11.59 28.21
N PRO A 172 6.97 -12.47 27.24
CA PRO A 172 7.04 -13.91 27.53
C PRO A 172 8.44 -14.38 27.90
N VAL A 173 9.48 -13.80 27.30
CA VAL A 173 10.84 -14.19 27.64
C VAL A 173 11.16 -13.82 29.08
N LEU A 174 10.62 -12.70 29.56
CA LEU A 174 10.88 -12.26 30.92
C LEU A 174 10.05 -13.03 31.95
N GLY A 175 9.00 -13.72 31.51
CA GLY A 175 8.28 -14.61 32.38
C GLY A 175 6.77 -14.61 32.24
N TRP A 176 6.23 -13.76 31.37
CA TRP A 176 4.77 -13.76 31.14
C TRP A 176 4.48 -14.86 30.12
N ASN A 177 4.51 -16.09 30.61
CA ASN A 177 4.33 -17.27 29.78
C ASN A 177 3.64 -18.32 30.64
N CYS A 178 3.49 -19.52 30.09
CA CYS A 178 2.76 -20.59 30.76
C CYS A 178 3.66 -21.75 31.17
N LEU A 179 4.98 -21.55 31.16
CA LEU A 179 5.89 -22.65 31.51
C LEU A 179 5.61 -23.20 32.90
N ALA A 180 5.26 -22.33 33.85
CA ALA A 180 4.98 -22.79 35.21
C ALA A 180 3.57 -23.36 35.33
N GLU A 181 2.58 -22.65 34.79
CA GLU A 181 1.17 -23.01 34.89
C GLU A 181 0.69 -23.45 33.52
N ARG A 182 0.65 -24.77 33.29
CA ARG A 182 0.24 -25.29 31.99
C ARG A 182 -1.24 -25.08 31.72
N ALA A 183 -2.05 -24.93 32.78
CA ALA A 183 -3.47 -24.62 32.58
C ALA A 183 -3.68 -23.26 31.95
N ALA A 184 -2.67 -22.39 32.00
CA ALA A 184 -2.77 -21.04 31.45
C ALA A 184 -2.21 -20.94 30.03
N CYS A 185 -1.83 -22.06 29.43
CA CYS A 185 -1.23 -22.03 28.11
C CYS A 185 -2.25 -21.69 27.04
N SER A 186 -1.82 -20.90 26.07
CA SER A 186 -2.62 -20.65 24.88
C SER A 186 -2.40 -21.77 23.87
N VAL A 187 -2.97 -21.61 22.68
CA VAL A 187 -2.80 -22.59 21.61
C VAL A 187 -1.41 -22.52 20.99
N VAL A 188 -0.65 -21.47 21.28
CA VAL A 188 0.72 -21.34 20.81
C VAL A 188 1.61 -21.44 22.05
N ARG A 189 2.24 -22.61 22.26
CA ARG A 189 3.09 -22.78 23.43
CA ARG A 189 3.09 -22.76 23.43
C ARG A 189 4.42 -22.03 23.23
N PRO A 190 5.01 -21.50 24.31
CA PRO A 190 4.57 -21.46 25.71
C PRO A 190 3.93 -20.14 26.09
N LEU A 191 3.23 -19.52 25.14
CA LEU A 191 2.59 -18.24 25.41
C LEU A 191 1.38 -18.41 26.32
N ALA A 192 1.24 -17.50 27.27
CA ALA A 192 0.09 -17.49 28.17
C ALA A 192 -1.14 -16.93 27.46
N ARG A 193 -2.30 -17.50 27.77
CA ARG A 193 -3.54 -17.06 27.13
CA ARG A 193 -3.54 -17.06 27.13
C ARG A 193 -3.77 -15.57 27.32
N SER A 194 -3.41 -15.04 28.49
CA SER A 194 -3.64 -13.62 28.75
C SER A 194 -2.74 -12.73 27.91
N HIS A 195 -1.51 -13.18 27.67
CA HIS A 195 -0.61 -12.44 26.77
C HIS A 195 -1.09 -12.51 25.33
N VAL A 196 -1.54 -13.69 24.89
CA VAL A 196 -2.04 -13.84 23.53
C VAL A 196 -3.31 -13.02 23.33
N ALA A 197 -4.14 -12.91 24.37
CA ALA A 197 -5.32 -12.07 24.29
C ALA A 197 -4.94 -10.62 24.00
N LEU A 198 -3.89 -10.13 24.67
CA LEU A 198 -3.38 -8.80 24.40
C LEU A 198 -2.91 -8.67 22.96
N LEU A 199 -2.18 -9.68 22.47
CA LEU A 199 -1.72 -9.65 21.09
C LEU A 199 -2.89 -9.55 20.12
N SER A 200 -3.95 -10.34 20.35
CA SER A 200 -5.10 -10.30 19.47
C SER A 200 -5.83 -8.97 19.57
N ALA A 201 -5.93 -8.43 20.79
CA ALA A 201 -6.53 -7.11 20.95
C ALA A 201 -5.77 -6.07 20.17
N ALA A 202 -4.43 -6.13 20.20
CA ALA A 202 -3.63 -5.18 19.45
C ALA A 202 -3.83 -5.35 17.96
N PHE A 203 -3.91 -6.61 17.50
CA PHE A 203 -4.16 -6.85 16.09
C PHE A 203 -5.50 -6.27 15.65
N PHE A 204 -6.57 -6.54 16.42
CA PHE A 204 -7.89 -6.07 16.03
C PHE A 204 -7.94 -4.55 15.97
N MET A 205 -7.29 -3.88 16.93
CA MET A 205 -7.26 -2.42 16.91
C MET A 205 -6.48 -1.92 15.70
N VAL A 206 -5.31 -2.50 15.44
CA VAL A 206 -4.53 -2.10 14.28
C VAL A 206 -5.34 -2.31 13.00
N PHE A 207 -6.00 -3.46 12.91
CA PHE A 207 -6.76 -3.77 11.70
C PHE A 207 -7.92 -2.79 11.53
N GLY A 208 -8.61 -2.46 12.63
CA GLY A 208 -9.68 -1.48 12.55
C GLY A 208 -9.20 -0.13 12.04
N ILE A 209 -8.01 0.29 12.48
CA ILE A 209 -7.48 1.56 12.00
C ILE A 209 -7.16 1.49 10.51
N MET A 210 -6.57 0.37 10.06
CA MET A 210 -6.29 0.22 8.64
C MET A 210 -7.57 0.32 7.82
N LEU A 211 -8.66 -0.28 8.32
CA LEU A 211 -9.94 -0.20 7.61
C LEU A 211 -10.44 1.22 7.52
N HIS A 212 -10.26 2.01 8.58
CA HIS A 212 -10.65 3.41 8.53
C HIS A 212 -9.84 4.17 7.48
N LEU A 213 -8.52 4.00 7.52
CA LEU A 213 -7.67 4.64 6.52
C LEU A 213 -8.01 4.14 5.12
N TYR A 214 -8.31 2.85 5.00
CA TYR A 214 -8.61 2.29 3.69
C TYR A 214 -9.82 2.99 3.07
N VAL A 215 -10.88 3.17 3.86
CA VAL A 215 -12.09 3.78 3.32
C VAL A 215 -11.83 5.23 2.93
N ARG A 216 -11.04 5.94 3.73
CA ARG A 216 -10.70 7.31 3.39
C ARG A 216 -9.89 7.37 2.09
N ILE A 217 -8.90 6.50 1.96
CA ILE A 217 -8.09 6.42 0.75
C ILE A 217 -8.99 6.12 -0.44
N GLN A 219 -12.08 6.66 -0.78
CA GLN A 219 -12.88 7.87 -0.99
C GLN A 219 -12.18 8.91 -1.89
N VAL A 220 -10.91 9.22 -1.58
CA VAL A 220 -10.19 10.22 -2.36
C VAL A 220 -9.97 9.74 -3.79
N VAL A 221 -9.58 8.48 -3.96
CA VAL A 221 -9.31 7.97 -5.30
C VAL A 221 -10.59 7.99 -6.14
N TRP A 222 -11.72 7.62 -5.53
CA TRP A 222 -12.99 7.64 -6.25
C TRP A 222 -13.38 9.05 -6.65
N ARG A 223 -13.24 10.01 -5.73
CA ARG A 223 -13.61 11.39 -6.02
C ARG A 223 -12.86 11.92 -7.24
N HIS A 224 -11.53 11.80 -7.22
CA HIS A 224 -10.73 12.33 -8.31
C HIS A 224 -11.08 11.68 -9.63
N ALA A 225 -11.26 10.36 -9.63
CA ALA A 225 -11.65 9.67 -10.87
C ALA A 225 -13.01 10.16 -11.35
N ALA A 226 -13.94 10.42 -10.42
CA ALA A 226 -15.26 10.89 -10.82
C ALA A 226 -15.21 12.32 -11.36
N ASP A 227 -14.34 13.16 -10.80
CA ASP A 227 -14.23 14.53 -11.29
C ASP A 227 -13.54 14.57 -12.65
N LEU A 228 -12.52 13.73 -12.83
CA LEU A 228 -11.86 13.64 -14.13
C LEU A 228 -12.84 13.22 -15.22
N GLU A 229 -13.61 12.15 -14.96
CA GLU A 229 -14.56 11.68 -15.95
C GLU A 229 -15.67 12.69 -16.20
N ASP A 230 -16.08 13.45 -15.18
CA ASP A 230 -17.07 14.50 -15.37
C ASP A 230 -16.54 15.58 -16.29
N ASN A 231 -15.45 16.23 -15.89
CA ASN A 231 -14.92 17.35 -16.68
C ASN A 231 -14.53 16.92 -18.09
N TRP A 232 -14.06 15.68 -18.25
CA TRP A 232 -13.74 15.18 -19.57
C TRP A 232 -14.99 15.06 -20.44
N GLU A 233 -16.10 14.62 -19.84
CA GLU A 233 -17.35 14.50 -20.59
C GLU A 233 -17.91 15.86 -20.95
N THR A 234 -17.90 16.80 -20.00
CA THR A 234 -18.37 18.16 -20.30
C THR A 234 -17.48 18.81 -21.34
N LEU A 235 -16.18 18.54 -21.28
CA LEU A 235 -15.26 19.02 -22.31
C LEU A 235 -15.72 18.56 -23.69
N ASN A 236 -16.08 17.28 -23.83
CA ASN A 236 -16.53 16.78 -25.13
C ASN A 236 -17.89 17.36 -25.50
N ASP A 237 -18.80 17.46 -24.53
CA ASP A 237 -20.12 18.02 -24.81
C ASP A 237 -20.02 19.39 -25.45
N ASN A 238 -19.28 20.30 -24.81
CA ASN A 238 -19.18 21.67 -25.32
C ASN A 238 -18.46 21.71 -26.65
N LEU A 239 -17.47 20.82 -26.86
CA LEU A 239 -16.80 20.77 -28.15
C LEU A 239 -17.78 20.48 -29.27
N LYS A 240 -18.78 19.63 -29.02
CA LYS A 240 -19.82 19.39 -30.02
C LYS A 240 -20.73 20.59 -30.18
N VAL A 241 -21.01 21.31 -29.09
CA VAL A 241 -21.79 22.54 -29.20
C VAL A 241 -21.11 23.50 -30.17
N ILE A 242 -19.78 23.62 -30.09
CA ILE A 242 -19.06 24.51 -30.99
CA ILE A 242 -19.05 24.51 -31.00
C ILE A 242 -19.27 24.07 -32.43
N GLU A 243 -19.03 22.79 -32.72
CA GLU A 243 -19.13 22.31 -34.09
C GLU A 243 -20.52 22.48 -34.66
N LYS A 244 -21.55 22.38 -33.81
CA LYS A 244 -22.94 22.48 -34.25
CA LYS A 244 -22.94 22.48 -34.25
C LYS A 244 -23.54 23.84 -33.96
N ALA A 245 -22.75 24.80 -33.47
CA ALA A 245 -23.29 26.10 -33.11
C ALA A 245 -23.94 26.77 -34.33
N ASP A 246 -25.04 27.48 -34.06
CA ASP A 246 -25.70 28.27 -35.09
C ASP A 246 -25.66 29.77 -34.83
N ASN A 247 -25.35 30.19 -33.60
CA ASN A 247 -25.21 31.61 -33.28
C ASN A 247 -23.92 31.82 -32.48
N ALA A 248 -23.50 33.08 -32.41
CA ALA A 248 -22.23 33.41 -31.78
C ALA A 248 -22.28 33.25 -30.27
N ALA A 249 -23.45 33.46 -29.66
CA ALA A 249 -23.56 33.35 -28.21
C ALA A 249 -23.22 31.94 -27.73
N GLN A 250 -23.64 30.93 -28.50
CA GLN A 250 -23.36 29.55 -28.10
C GLN A 250 -21.87 29.27 -28.09
N VAL A 251 -21.14 29.80 -29.07
CA VAL A 251 -19.72 29.49 -29.19
C VAL A 251 -18.97 30.00 -27.98
N LYS A 252 -19.18 31.28 -27.63
CA LYS A 252 -18.50 31.85 -26.47
CA LYS A 252 -18.50 31.85 -26.47
C LYS A 252 -18.88 31.11 -25.19
N ASP A 253 -20.17 30.79 -25.03
CA ASP A 253 -20.61 30.06 -23.84
C ASP A 253 -19.90 28.72 -23.73
N ALA A 254 -19.85 27.97 -24.84
CA ALA A 254 -19.25 26.64 -24.81
C ALA A 254 -17.75 26.72 -24.56
N LEU A 255 -17.08 27.72 -25.12
CA LEU A 255 -15.65 27.88 -24.88
C LEU A 255 -15.39 28.22 -23.42
N THR A 256 -16.28 28.99 -22.80
CA THR A 256 -16.09 29.35 -21.40
C THR A 256 -16.19 28.12 -20.50
N LYS A 257 -17.14 27.23 -20.79
CA LYS A 257 -17.25 26.00 -20.01
C LYS A 257 -16.10 25.05 -20.29
N MET A 258 -15.60 25.00 -21.53
CA MET A 258 -14.48 24.13 -21.82
C MET A 258 -13.24 24.55 -21.03
N ARG A 259 -13.02 25.86 -20.88
CA ARG A 259 -11.86 26.32 -20.13
C ARG A 259 -11.94 25.86 -18.68
N ALA A 260 -13.11 26.00 -18.06
CA ALA A 260 -13.25 25.58 -16.67
C ALA A 260 -13.10 24.07 -16.53
N ALA A 261 -13.75 23.31 -17.42
CA ALA A 261 -13.66 21.86 -17.37
C ALA A 261 -12.21 21.40 -17.57
N ALA A 262 -11.49 22.04 -18.49
CA ALA A 262 -10.10 21.66 -18.72
C ALA A 262 -9.27 21.82 -17.45
N LEU A 263 -9.44 22.95 -16.75
CA LEU A 263 -8.68 23.18 -15.53
C LEU A 263 -9.10 22.20 -14.43
N ASP A 264 -10.40 21.98 -14.26
CA ASP A 264 -10.86 21.05 -13.25
C ASP A 264 -10.37 19.63 -13.53
N ALA A 265 -10.41 19.23 -14.80
CA ALA A 265 -9.88 17.91 -15.17
C ALA A 265 -8.39 17.83 -14.85
N GLN A 266 -7.66 18.93 -15.00
CA GLN A 266 -6.23 18.93 -14.67
C GLN A 266 -6.03 18.71 -13.17
N LYS A 267 -6.79 19.42 -12.34
CA LYS A 267 -6.64 19.28 -10.89
C LYS A 267 -6.92 17.87 -10.43
N ALA A 268 -7.95 17.23 -10.99
CA ALA A 268 -8.29 15.86 -10.59
C ALA A 268 -7.21 14.85 -10.97
N THR A 269 -6.31 15.20 -11.88
CA THR A 269 -5.22 14.31 -12.23
C THR A 269 -4.12 14.40 -11.18
N PRO A 270 -3.66 13.28 -10.62
CA PRO A 270 -2.61 13.36 -9.60
C PRO A 270 -1.38 14.04 -10.17
N PRO A 271 -0.60 14.70 -9.32
CA PRO A 271 0.53 15.50 -9.80
C PRO A 271 1.71 14.64 -10.22
N LYS A 272 2.70 15.31 -10.82
CA LYS A 272 3.88 14.62 -11.33
C LYS A 272 4.72 14.04 -10.20
N LEU A 273 5.17 14.90 -9.29
CA LEU A 273 6.10 14.46 -8.25
C LEU A 273 6.52 15.64 -7.37
N GLU A 274 7.47 15.41 -6.47
CA GLU A 274 7.93 16.44 -5.54
C GLU A 274 9.44 16.33 -5.31
N MET A 283 3.73 11.61 -12.95
CA MET A 283 4.03 12.19 -14.25
C MET A 283 3.09 13.36 -14.53
N LYS A 284 3.53 14.29 -15.38
CA LYS A 284 2.74 15.45 -15.80
C LYS A 284 2.80 15.62 -17.30
N ASP A 285 2.53 14.54 -18.04
CA ASP A 285 2.37 14.59 -19.50
C ASP A 285 0.90 14.57 -19.90
N PHE A 286 0.13 13.64 -19.34
CA PHE A 286 -1.32 13.72 -19.46
C PHE A 286 -1.82 15.07 -18.95
N ARG A 287 -1.20 15.58 -17.88
CA ARG A 287 -1.58 16.88 -17.34
C ARG A 287 -1.25 18.00 -18.34
N HIS A 288 -0.02 18.01 -18.85
CA HIS A 288 0.37 19.04 -19.81
C HIS A 288 -0.48 19.01 -21.07
N GLY A 289 -1.15 17.90 -21.34
CA GLY A 289 -2.15 17.89 -22.40
C GLY A 289 -3.27 18.87 -22.14
N PHE A 290 -3.64 19.05 -20.88
CA PHE A 290 -4.63 20.07 -20.54
C PHE A 290 -4.04 21.48 -20.61
N ASP A 291 -2.73 21.60 -20.38
CA ASP A 291 -2.10 22.92 -20.44
C ASP A 291 -2.22 23.53 -21.83
N ILE A 292 -2.01 22.73 -22.88
CA ILE A 292 -2.13 23.25 -24.23
C ILE A 292 -3.58 23.31 -24.68
N LEU A 293 -4.49 22.55 -24.04
CA LEU A 293 -5.91 22.73 -24.31
C LEU A 293 -6.40 24.07 -23.79
N VAL A 294 -6.07 24.40 -22.54
CA VAL A 294 -6.40 25.72 -22.02
C VAL A 294 -5.82 26.81 -22.92
N GLY A 295 -4.59 26.60 -23.39
CA GLY A 295 -4.00 27.58 -24.30
C GLY A 295 -4.80 27.73 -25.57
N GLN A 296 -5.15 26.61 -26.21
CA GLN A 296 -5.95 26.66 -27.42
C GLN A 296 -7.33 27.24 -27.14
N ILE A 297 -7.92 26.89 -26.00
CA ILE A 297 -9.23 27.46 -25.65
C ILE A 297 -9.10 28.97 -25.45
N ASP A 298 -8.01 29.41 -24.84
CA ASP A 298 -7.78 30.84 -24.67
C ASP A 298 -7.59 31.53 -26.02
N ASP A 299 -6.89 30.87 -26.95
CA ASP A 299 -6.77 31.42 -28.30
C ASP A 299 -8.15 31.58 -28.94
N ALA A 300 -9.00 30.56 -28.84
CA ALA A 300 -10.33 30.64 -29.42
C ALA A 300 -11.18 31.68 -28.71
N LEU A 301 -11.01 31.83 -27.41
CA LEU A 301 -11.77 32.85 -26.68
C LEU A 301 -11.32 34.25 -27.07
N LYS A 302 -10.02 34.44 -27.29
CA LYS A 302 -9.55 35.75 -27.74
C LYS A 302 -10.20 36.13 -29.06
N LEU A 303 -10.20 35.21 -30.02
CA LEU A 303 -10.86 35.47 -31.29
C LEU A 303 -12.34 35.78 -31.09
N ALA A 304 -13.02 35.01 -30.24
CA ALA A 304 -14.45 35.20 -30.05
C ALA A 304 -14.74 36.56 -29.43
N ASN A 305 -13.86 37.04 -28.54
CA ASN A 305 -14.10 38.32 -27.88
C ASN A 305 -13.81 39.50 -28.80
N GLU A 306 -12.91 39.33 -29.78
CA GLU A 306 -12.67 40.36 -30.78
C GLU A 306 -13.74 40.43 -31.85
N GLY A 307 -14.75 39.57 -31.81
CA GLY A 307 -15.76 39.52 -32.83
C GLY A 307 -15.52 38.48 -33.91
N LYS A 308 -14.48 37.66 -33.77
CA LYS A 308 -14.14 36.66 -34.78
C LYS A 308 -14.63 35.29 -34.32
N VAL A 309 -15.95 35.16 -34.23
CA VAL A 309 -16.55 33.94 -33.71
C VAL A 309 -16.48 32.83 -34.74
N LYS A 310 -16.65 33.15 -36.02
CA LYS A 310 -16.41 32.17 -37.07
C LYS A 310 -15.03 31.55 -36.92
N GLU A 311 -14.01 32.40 -36.75
CA GLU A 311 -12.66 31.91 -36.53
C GLU A 311 -12.57 31.13 -35.22
N ALA A 312 -13.32 31.56 -34.20
CA ALA A 312 -13.29 30.85 -32.92
C ALA A 312 -13.91 29.47 -33.05
N GLN A 313 -15.02 29.36 -33.80
CA GLN A 313 -15.64 28.06 -34.04
C GLN A 313 -14.69 27.14 -34.79
N ALA A 314 -14.12 27.64 -35.89
CA ALA A 314 -13.25 26.81 -36.71
C ALA A 314 -12.07 26.27 -35.91
N ALA A 315 -11.68 26.94 -34.82
CA ALA A 315 -10.59 26.47 -33.98
C ALA A 315 -10.94 25.19 -33.23
N ALA A 316 -12.20 24.74 -33.28
CA ALA A 316 -12.55 23.50 -32.59
C ALA A 316 -11.92 22.28 -33.26
N GLU A 317 -11.73 22.33 -34.58
CA GLU A 317 -11.03 21.23 -35.24
C GLU A 317 -9.68 20.98 -34.59
N GLN A 318 -8.97 22.04 -34.23
CA GLN A 318 -7.69 21.88 -33.56
C GLN A 318 -7.86 21.42 -32.12
N LEU A 319 -8.94 21.84 -31.46
CA LEU A 319 -9.22 21.35 -30.12
C LEU A 319 -9.63 19.88 -30.15
N LYS A 320 -10.37 19.47 -31.17
CA LYS A 320 -10.73 18.06 -31.31
C LYS A 320 -9.49 17.22 -31.63
N THR A 321 -8.58 17.75 -32.44
CA THR A 321 -7.33 17.05 -32.72
C THR A 321 -6.54 16.84 -31.43
N THR A 322 -6.37 17.91 -30.64
CA THR A 322 -5.68 17.79 -29.36
C THR A 322 -6.36 16.77 -28.47
N ARG A 323 -7.68 16.89 -28.30
CA ARG A 323 -8.39 15.99 -27.40
C ARG A 323 -8.22 14.53 -27.82
N ASN A 324 -8.28 14.26 -29.13
CA ASN A 324 -8.15 12.88 -29.59
C ASN A 324 -6.74 12.34 -29.36
N ALA A 325 -5.74 13.22 -29.32
CA ALA A 325 -4.37 12.76 -29.10
C ALA A 325 -4.18 12.19 -27.70
N TYR A 326 -4.95 12.67 -26.72
CA TYR A 326 -4.81 12.26 -25.33
C TYR A 326 -5.94 11.36 -24.88
N ILE A 327 -6.71 10.79 -25.83
CA ILE A 327 -7.86 9.97 -25.46
C ILE A 327 -7.40 8.63 -24.88
N GLN A 328 -6.26 8.11 -25.34
CA GLN A 328 -5.76 6.85 -24.81
C GLN A 328 -5.17 7.04 -23.42
N LYS A 329 -4.34 8.06 -23.24
CA LYS A 329 -3.80 8.34 -21.91
C LYS A 329 -4.93 8.55 -20.90
N TYR A 330 -6.06 9.08 -21.35
CA TYR A 330 -7.21 9.24 -20.46
C TYR A 330 -7.85 7.90 -20.11
N LEU A 331 -8.02 7.02 -21.11
CA LEU A 331 -8.57 5.70 -20.85
C LEU A 331 -7.60 4.86 -20.02
N ALA A 332 -6.29 4.99 -20.29
CA ALA A 332 -5.29 4.25 -19.53
C ALA A 332 -5.28 4.71 -18.08
N HIS A 333 -5.42 6.02 -17.85
CA HIS A 333 -5.44 6.52 -16.48
C HIS A 333 -6.67 6.00 -15.74
N LEU A 334 -7.84 6.03 -16.38
CA LEU A 334 -9.03 5.47 -15.75
C LEU A 334 -8.88 3.97 -15.54
N ALA A 335 -8.21 3.29 -16.47
CA ALA A 335 -7.96 1.86 -16.31
C ALA A 335 -7.00 1.58 -15.16
N ALA A 336 -6.03 2.48 -14.93
CA ALA A 336 -5.07 2.26 -13.85
C ALA A 336 -5.70 2.51 -12.49
N THR A 337 -6.47 3.59 -12.35
CA THR A 337 -7.13 3.84 -11.07
C THR A 337 -8.10 2.72 -10.73
N ARG A 338 -8.88 2.26 -11.72
CA ARG A 338 -9.76 1.12 -11.53
C ARG A 338 -8.99 -0.08 -10.99
N LYS A 339 -7.89 -0.43 -11.65
CA LYS A 339 -7.08 -1.56 -11.20
C LYS A 339 -6.51 -1.30 -9.81
N GLY A 340 -6.10 -0.06 -9.53
CA GLY A 340 -5.56 0.25 -8.21
C GLY A 340 -6.58 0.07 -7.10
N VAL A 341 -7.82 0.48 -7.35
CA VAL A 341 -8.88 0.29 -6.36
C VAL A 341 -9.07 -1.20 -6.08
N ARG A 342 -9.11 -2.02 -7.14
CA ARG A 342 -9.22 -3.46 -6.96
C ARG A 342 -8.07 -3.98 -6.10
N THR A 343 -6.85 -3.58 -6.41
CA THR A 343 -5.68 -4.03 -5.65
C THR A 343 -5.82 -3.66 -4.18
N LEU A 344 -6.19 -2.41 -3.90
CA LEU A 344 -6.43 -1.97 -2.53
C LEU A 344 -7.28 -2.98 -1.76
N ALA A 345 -8.48 -3.27 -2.29
CA ALA A 345 -9.42 -4.13 -1.59
C ALA A 345 -8.91 -5.56 -1.51
N VAL A 346 -8.30 -6.05 -2.59
CA VAL A 346 -7.84 -7.43 -2.60
C VAL A 346 -6.72 -7.63 -1.60
N VAL A 347 -5.80 -6.67 -1.52
CA VAL A 347 -4.68 -6.80 -0.61
C VAL A 347 -5.15 -6.72 0.84
N LEU A 348 -6.05 -5.80 1.15
CA LEU A 348 -6.55 -5.71 2.52
C LEU A 348 -7.41 -6.92 2.86
N GLY A 349 -8.24 -7.36 1.93
CA GLY A 349 -9.02 -8.56 2.16
C GLY A 349 -8.14 -9.79 2.38
N THR A 350 -7.05 -9.89 1.62
CA THR A 350 -6.13 -11.01 1.80
C THR A 350 -5.45 -10.95 3.15
N PHE A 351 -5.01 -9.76 3.56
CA PHE A 351 -4.50 -9.56 4.91
C PHE A 351 -5.49 -10.07 5.95
N GLY A 352 -6.76 -9.70 5.81
CA GLY A 352 -7.76 -10.15 6.76
C GLY A 352 -7.99 -11.65 6.71
N ALA A 353 -8.09 -12.22 5.51
CA ALA A 353 -8.28 -13.65 5.40
C ALA A 353 -7.11 -14.43 5.99
N CYS A 354 -5.89 -13.89 5.90
CA CYS A 354 -4.71 -14.58 6.40
C CYS A 354 -4.59 -14.48 7.92
N TRP A 355 -4.94 -13.33 8.51
CA TRP A 355 -4.68 -13.10 9.93
C TRP A 355 -5.89 -13.26 10.83
N LEU A 356 -7.10 -13.02 10.34
CA LEU A 356 -8.25 -13.00 11.23
C LEU A 356 -8.58 -14.38 11.78
N PRO A 357 -8.58 -15.45 10.97
CA PRO A 357 -8.83 -16.78 11.55
C PRO A 357 -7.87 -17.12 12.67
N PHE A 358 -6.59 -16.82 12.47
CA PHE A 358 -5.58 -17.04 13.51
C PHE A 358 -5.85 -16.16 14.73
N ALA A 359 -6.04 -14.87 14.51
CA ALA A 359 -6.28 -13.96 15.64
C ALA A 359 -7.51 -14.38 16.45
N ILE A 360 -8.54 -14.87 15.76
CA ILE A 360 -9.75 -15.28 16.47
C ILE A 360 -9.51 -16.60 17.20
N TYR A 361 -8.92 -17.58 16.52
CA TYR A 361 -8.70 -18.87 17.14
C TYR A 361 -7.78 -18.77 18.35
N CYS A 362 -6.87 -17.80 18.33
CA CYS A 362 -5.93 -17.62 19.43
C CYS A 362 -6.62 -17.17 20.72
N VAL A 363 -7.77 -16.50 20.62
CA VAL A 363 -8.52 -16.12 21.82
C VAL A 363 -9.66 -17.09 22.13
N VAL A 364 -10.09 -17.90 21.17
CA VAL A 364 -11.19 -18.83 21.39
C VAL A 364 -10.68 -20.22 21.77
N GLY A 365 -9.63 -20.68 21.12
CA GLY A 365 -9.11 -22.01 21.39
C GLY A 365 -8.40 -22.09 22.72
N SER A 366 -8.01 -23.31 23.09
CA SER A 366 -7.28 -23.56 24.32
C SER A 366 -6.23 -24.63 24.08
N HIS A 367 -5.35 -24.79 25.07
CA HIS A 367 -4.19 -25.67 24.93
C HIS A 367 -4.58 -27.13 24.72
N GLU A 368 -5.80 -27.52 25.11
CA GLU A 368 -6.24 -28.89 24.89
C GLU A 368 -6.49 -29.20 23.42
N ASP A 369 -6.74 -28.20 22.58
CA ASP A 369 -6.99 -28.46 21.17
C ASP A 369 -5.79 -29.15 20.54
N PRO A 370 -6.01 -30.04 19.57
CA PRO A 370 -4.88 -30.59 18.81
C PRO A 370 -4.13 -29.48 18.10
N ALA A 371 -2.81 -29.66 17.97
CA ALA A 371 -1.97 -28.59 17.45
C ALA A 371 -2.26 -28.25 16.01
N VAL A 372 -2.91 -29.16 15.27
CA VAL A 372 -3.12 -28.94 13.84
C VAL A 372 -3.96 -27.68 13.59
N TYR A 373 -4.84 -27.34 14.52
CA TYR A 373 -5.72 -26.20 14.30
C TYR A 373 -4.96 -24.89 14.45
N THR A 374 -3.93 -24.88 15.31
CA THR A 374 -3.03 -23.74 15.39
C THR A 374 -2.18 -23.64 14.13
N TYR A 375 -1.62 -24.77 13.68
CA TYR A 375 -0.83 -24.77 12.45
C TYR A 375 -1.67 -24.33 11.27
N ALA A 376 -2.90 -24.84 11.16
CA ALA A 376 -3.71 -24.58 9.98
C ALA A 376 -4.10 -23.13 9.88
N THR A 377 -4.23 -22.44 11.00
CA THR A 377 -4.54 -21.01 10.99
C THR A 377 -3.28 -20.16 10.99
N LEU A 378 -2.17 -20.69 11.50
CA LEU A 378 -0.92 -19.94 11.51
C LEU A 378 -0.29 -19.88 10.13
N LEU A 379 -0.35 -20.97 9.38
CA LEU A 379 0.34 -21.00 8.09
C LEU A 379 -0.13 -19.90 7.15
N PRO A 380 -1.43 -19.63 7.00
CA PRO A 380 -1.84 -18.52 6.13
C PRO A 380 -1.31 -17.18 6.60
N ALA A 381 -1.26 -16.95 7.91
CA ALA A 381 -0.71 -15.70 8.42
C ALA A 381 0.73 -15.50 7.95
N THR A 382 1.52 -16.58 7.89
CA THR A 382 2.88 -16.46 7.40
C THR A 382 2.91 -16.20 5.90
N LEU A 383 1.93 -16.74 5.15
CA LEU A 383 1.89 -16.51 3.72
C LEU A 383 1.75 -15.03 3.39
N ASN A 384 1.13 -14.26 4.29
CA ASN A 384 1.00 -12.83 4.05
C ASN A 384 2.36 -12.16 4.01
N SER A 385 3.32 -12.66 4.78
CA SER A 385 4.68 -12.13 4.71
C SER A 385 5.36 -12.48 3.39
N MET A 386 4.84 -13.45 2.64
CA MET A 386 5.33 -13.69 1.28
C MET A 386 4.71 -12.74 0.28
N ILE A 387 3.51 -12.26 0.57
CA ILE A 387 2.80 -11.38 -0.35
C ILE A 387 3.25 -9.94 -0.16
N ASN A 388 3.45 -9.52 1.09
CA ASN A 388 3.87 -8.16 1.39
C ASN A 388 4.99 -7.64 0.49
N PRO A 389 6.12 -8.33 0.35
CA PRO A 389 7.19 -7.76 -0.49
C PRO A 389 6.78 -7.58 -1.94
N ILE A 390 5.88 -8.42 -2.45
CA ILE A 390 5.44 -8.26 -3.83
C ILE A 390 4.57 -7.01 -3.97
N ILE A 391 3.65 -6.81 -3.03
CA ILE A 391 2.73 -5.69 -3.12
CA ILE A 391 2.73 -5.68 -3.11
C ILE A 391 3.44 -4.36 -2.87
N TYR A 392 4.25 -4.31 -1.81
CA TYR A 392 4.81 -3.04 -1.38
C TYR A 392 6.21 -2.75 -1.88
N ALA A 393 6.94 -3.75 -2.38
CA ALA A 393 8.30 -3.53 -2.85
C ALA A 393 8.47 -3.86 -4.33
N PHE A 394 8.25 -5.10 -4.74
CA PHE A 394 8.61 -5.49 -6.10
C PHE A 394 7.72 -4.88 -7.16
N ARG A 395 6.52 -4.42 -6.82
CA ARG A 395 5.67 -3.73 -7.78
C ARG A 395 6.04 -2.26 -7.93
N ASN A 396 6.97 -1.76 -7.12
CA ASN A 396 7.40 -0.37 -7.22
C ASN A 396 8.48 -0.25 -8.30
N GLN A 397 8.31 0.73 -9.21
CA GLN A 397 9.21 0.85 -10.34
C GLN A 397 10.64 1.14 -9.91
N GLU A 398 10.83 1.91 -8.83
CA GLU A 398 12.17 2.23 -8.38
C GLU A 398 12.86 1.00 -7.79
N ILE A 399 12.10 0.14 -7.10
CA ILE A 399 12.67 -1.11 -6.61
C ILE A 399 13.08 -2.00 -7.79
N GLN A 400 12.22 -2.08 -8.81
CA GLN A 400 12.56 -2.86 -10.00
C GLN A 400 13.85 -2.36 -10.64
N ARG A 401 14.02 -1.04 -10.73
CA ARG A 401 15.23 -0.48 -11.30
CA ARG A 401 15.23 -0.48 -11.31
C ARG A 401 16.46 -0.91 -10.51
N ALA A 402 16.39 -0.79 -9.18
CA ALA A 402 17.49 -1.25 -8.35
C ALA A 402 17.78 -2.72 -8.60
N LEU A 403 16.73 -3.53 -8.75
CA LEU A 403 16.93 -4.95 -9.04
C LEU A 403 17.63 -5.14 -10.38
N TRP A 404 17.25 -4.35 -11.39
CA TRP A 404 17.93 -4.46 -12.68
CA TRP A 404 17.92 -4.42 -12.69
C TRP A 404 19.40 -4.09 -12.57
N LEU A 405 19.72 -3.04 -11.82
CA LEU A 405 21.12 -2.68 -11.63
C LEU A 405 21.87 -3.76 -10.85
N LEU A 406 21.17 -4.46 -9.96
CA LEU A 406 21.83 -5.50 -9.17
C LEU A 406 22.14 -6.72 -10.03
N LEU A 407 21.18 -7.16 -10.84
CA LEU A 407 21.41 -8.33 -11.68
C LEU A 407 22.50 -8.06 -12.72
N ASP A 408 22.52 -6.85 -13.28
CA ASP A 408 23.47 -6.50 -14.32
C ASP A 408 24.83 -6.08 -13.79
N GLY A 409 25.19 -6.52 -12.59
CA GLY A 409 26.49 -6.16 -12.02
C GLY A 409 26.73 -4.66 -11.98
N CYS A 410 25.68 -3.88 -11.74
CA CYS A 410 25.79 -2.43 -11.69
C CYS A 410 26.23 -1.88 -13.05
#